data_2N2P
#
_entry.id   2N2P
#
_entity_poly.entity_id   1
_entity_poly.type   'polyribonucleotide'
_entity_poly.pdbx_seq_one_letter_code
;GCAUGUUUAGUGUCUAAACGGUU
;
_entity_poly.pdbx_strand_id   A
#